data_2XJB
#
_entry.id   2XJB
#
_cell.length_a   91.550
_cell.length_b   127.430
_cell.length_c   130.500
_cell.angle_alpha   90.00
_cell.angle_beta   90.00
_cell.angle_gamma   90.00
#
_symmetry.space_group_name_H-M   'I 2 2 2'
#
loop_
_entity.id
_entity.type
_entity.pdbx_description
1 polymer "CYTOSOLIC PURINE 5'-NUCLEOTIDASE"
2 non-polymer GLYCEROL
3 non-polymer "2'-DEOXYADENOSINE 5'-TRIPHOSPHATE"
4 non-polymer "2'-DEOXYGUANOSINE-5'-MONOPHOSPHATE"
5 non-polymer 'MAGNESIUM ION'
6 water water
#
_entity_poly.entity_id   1
_entity_poly.type   'polypeptide(L)'
_entity_poly.pdbx_seq_one_letter_code
;GSSHHHHHHSSGLVPRGSMSTSWSDRLQNAADMPANMDKHALKKYRREAYHRVFVNRSLAMEKIKCFGFNMDYTLAVYKS
PEYESLGFELTVERLVSIGYPQELLSFAYDSTFPTRGLVFDTLYGNLLKVDAYGNLLVCAHGFNFIRGPETREQYPNKFI
QRDDTERFYILNTLFNLPETYLLACLVDFFTNCPRYTSCETGFKDGDLFMSYRSMFQDVRDAVDWVHYKGSLKEKTVENL
EKYVVKDGKLPLLLSRMKEVGKVFLATNSDYKYTDKIMTYLFDFPHGPKPGSSHRPWQSYFDLILVDARKPLFFGEGTVL
RQVDTKTGKLKIGTYTGPLQHGIVYSGGSSDTICDLLGAKGKDILYIGDHIFGDILKSKKRQGWRTFLVIPELAQELHVW
TDKSSLFEELQSLDIFLAELYKHLDSSSNERPDISSIQRRIKKVTHDMDMCYGMMGSLFRSGSRQTLFASQVMRYADLYA
ASFINLLYYPFSYLFRAAHVLMPHESTVEHTHVDINEMESPLATRNRTSVDFKDTDYKRHQLTRSISEIKPPNL
;
_entity_poly.pdbx_strand_id   A
#
# COMPACT_ATOMS: atom_id res chain seq x y z
N THR A 21 6.53 6.18 -17.95
CA THR A 21 7.45 5.87 -16.82
C THR A 21 6.70 5.84 -15.46
N SER A 22 6.80 4.68 -14.79
CA SER A 22 6.02 4.38 -13.58
C SER A 22 6.31 5.25 -12.35
N TRP A 23 5.51 5.05 -11.30
CA TRP A 23 5.70 5.81 -10.09
C TRP A 23 7.02 5.44 -9.42
N SER A 24 7.49 4.22 -9.68
CA SER A 24 8.69 3.73 -9.06
C SER A 24 9.93 4.22 -9.80
N ASP A 25 9.77 4.67 -11.06
CA ASP A 25 10.82 5.38 -11.80
C ASP A 25 11.07 6.76 -11.18
N ARG A 26 9.98 7.51 -10.94
CA ARG A 26 10.05 8.76 -10.16
C ARG A 26 10.74 8.56 -8.81
N LEU A 27 10.37 7.50 -8.09
CA LEU A 27 10.94 7.21 -6.78
C LEU A 27 12.46 6.90 -6.85
N GLN A 28 12.85 6.05 -7.80
CA GLN A 28 14.27 5.71 -7.99
C GLN A 28 15.07 6.92 -8.53
N ASN A 29 14.43 7.80 -9.31
CA ASN A 29 15.10 9.05 -9.76
C ASN A 29 15.47 9.99 -8.61
N ALA A 30 14.56 10.14 -7.66
CA ALA A 30 14.85 10.88 -6.42
C ALA A 30 15.84 10.13 -5.50
N ALA A 31 15.82 8.80 -5.56
CA ALA A 31 16.68 7.92 -4.76
C ALA A 31 18.16 8.02 -5.15
N ASP A 32 18.43 8.33 -6.41
CA ASP A 32 19.80 8.41 -6.92
C ASP A 32 20.46 9.73 -6.56
N MET A 33 19.66 10.68 -6.06
CA MET A 33 20.16 12.01 -5.65
C MET A 33 20.77 12.03 -4.24
N PRO A 34 22.04 12.46 -4.13
CA PRO A 34 22.58 12.72 -2.80
C PRO A 34 21.83 13.86 -2.10
N ALA A 35 21.73 13.76 -0.77
CA ALA A 35 21.16 14.82 0.03
C ALA A 35 22.12 16.00 0.08
N ASN A 36 21.61 17.16 -0.34
CA ASN A 36 22.22 18.44 -0.03
C ASN A 36 21.47 19.00 1.18
N MET A 37 22.15 19.02 2.33
CA MET A 37 21.55 19.32 3.63
C MET A 37 21.68 20.78 4.08
N ASP A 38 22.20 21.62 3.18
CA ASP A 38 22.15 23.06 3.37
C ASP A 38 20.70 23.47 3.68
N LYS A 39 20.48 24.22 4.76
CA LYS A 39 19.11 24.62 5.21
C LYS A 39 18.26 25.32 4.12
N HIS A 40 18.92 26.15 3.29
CA HIS A 40 18.30 26.82 2.14
C HIS A 40 17.87 25.84 1.05
N ALA A 41 18.73 24.88 0.75
CA ALA A 41 18.48 23.90 -0.30
C ALA A 41 17.35 22.94 0.09
N LEU A 42 17.26 22.64 1.39
CA LEU A 42 16.18 21.78 1.92
C LEU A 42 14.80 22.42 1.79
N LYS A 43 14.68 23.69 2.19
CA LYS A 43 13.42 24.43 2.07
C LYS A 43 12.98 24.56 0.61
N LYS A 44 13.94 24.65 -0.31
CA LYS A 44 13.62 24.79 -1.73
C LYS A 44 13.13 23.47 -2.33
N TYR A 45 13.79 22.38 -1.97
CA TYR A 45 13.41 21.03 -2.42
C TYR A 45 11.98 20.63 -2.05
N ARG A 46 11.58 20.95 -0.82
CA ARG A 46 10.24 20.63 -0.33
C ARG A 46 9.18 21.62 -0.82
N ARG A 47 9.58 22.58 -1.66
CA ARG A 47 8.62 23.38 -2.43
C ARG A 47 7.90 22.43 -3.37
N GLU A 48 8.69 21.58 -4.04
CA GLU A 48 8.18 20.69 -5.10
C GLU A 48 7.23 19.72 -4.51
N ALA A 49 6.08 19.55 -5.16
CA ALA A 49 5.00 18.75 -4.64
C ALA A 49 5.49 17.35 -4.33
N TYR A 50 6.35 16.81 -5.20
CA TYR A 50 6.86 15.42 -5.10
C TYR A 50 7.68 15.19 -3.83
N HIS A 51 8.32 16.23 -3.31
CA HIS A 51 9.20 16.10 -2.13
C HIS A 51 8.55 16.67 -0.88
N ARG A 52 7.25 16.90 -0.98
CA ARG A 52 6.54 17.54 0.07
C ARG A 52 5.94 16.52 1.01
N VAL A 53 5.73 16.92 2.24
CA VAL A 53 4.89 16.17 3.17
C VAL A 53 3.55 16.90 3.35
N PHE A 54 2.46 16.17 3.07
CA PHE A 54 1.09 16.69 3.10
C PHE A 54 0.46 16.46 4.48
N VAL A 55 -0.39 17.39 4.91
CA VAL A 55 -0.85 17.47 6.30
C VAL A 55 -2.37 17.40 6.36
N ASN A 56 -2.90 16.36 7.00
CA ASN A 56 -4.32 16.28 7.26
C ASN A 56 -4.66 16.84 8.63
N ARG A 57 -3.79 16.63 9.62
CA ARG A 57 -3.98 17.21 10.96
C ARG A 57 -2.66 17.69 11.47
N SER A 58 -2.63 18.81 12.19
CA SER A 58 -1.37 19.39 12.66
C SER A 58 -0.58 18.38 13.50
N LEU A 59 0.75 18.44 13.37
CA LEU A 59 1.65 17.60 14.11
C LEU A 59 2.92 18.39 14.36
N ALA A 60 3.22 18.56 15.65
CA ALA A 60 4.40 19.21 16.11
C ALA A 60 5.44 18.10 16.19
N MET A 61 6.39 18.09 15.25
CA MET A 61 7.45 17.09 15.21
C MET A 61 8.35 17.00 16.44
N GLU A 62 8.47 18.10 17.20
CA GLU A 62 9.23 18.09 18.45
C GLU A 62 8.59 17.29 19.61
N LYS A 63 7.32 16.98 19.51
CA LYS A 63 6.64 16.17 20.49
C LYS A 63 6.85 14.66 20.20
N ILE A 64 7.34 14.31 19.01
CA ILE A 64 7.51 12.91 18.60
C ILE A 64 8.80 12.33 19.20
N LYS A 65 8.66 11.29 20.02
CA LYS A 65 9.80 10.64 20.64
C LYS A 65 10.25 9.31 20.04
N CYS A 66 9.37 8.65 19.29
CA CYS A 66 9.61 7.36 18.60
C CYS A 66 9.09 7.44 17.20
N PHE A 67 9.95 7.09 16.25
CA PHE A 67 9.60 6.94 14.86
C PHE A 67 9.52 5.45 14.59
N GLY A 68 8.37 4.97 14.10
CA GLY A 68 8.22 3.56 13.86
C GLY A 68 8.06 3.35 12.37
N PHE A 69 8.64 2.28 11.84
CA PHE A 69 8.55 1.98 10.41
C PHE A 69 8.02 0.59 10.10
N ASN A 70 7.34 0.51 8.98
CA ASN A 70 6.97 -0.75 8.39
C ASN A 70 8.05 -0.97 7.35
N MET A 71 8.28 -2.21 6.90
CA MET A 71 9.26 -2.47 5.90
C MET A 71 8.73 -2.50 4.47
N ASP A 72 7.87 -3.46 4.18
CA ASP A 72 7.41 -3.70 2.79
C ASP A 72 6.53 -2.60 2.22
N TYR A 73 6.96 -2.04 1.08
CA TYR A 73 6.31 -0.88 0.46
C TYR A 73 6.41 0.41 1.28
N THR A 74 7.25 0.41 2.31
CA THR A 74 7.53 1.60 3.10
C THR A 74 9.02 1.92 3.02
N LEU A 75 9.85 1.12 3.70
CA LEU A 75 11.31 1.18 3.57
C LEU A 75 11.78 0.52 2.26
N ALA A 76 11.17 -0.63 1.93
CA ALA A 76 11.44 -1.40 0.71
C ALA A 76 10.28 -1.23 -0.23
N VAL A 77 10.46 -0.30 -1.17
CA VAL A 77 9.49 -0.05 -2.21
C VAL A 77 9.90 -0.88 -3.43
N TYR A 78 9.01 -1.78 -3.83
CA TYR A 78 9.27 -2.71 -4.94
C TYR A 78 8.97 -2.02 -6.25
N LYS A 79 9.87 -2.21 -7.20
CA LYS A 79 9.77 -1.61 -8.54
C LYS A 79 8.59 -2.10 -9.37
N SER A 80 7.99 -1.16 -10.08
CA SER A 80 6.75 -1.33 -10.86
C SER A 80 7.07 -1.10 -12.32
N PRO A 81 6.49 -1.90 -13.24
CA PRO A 81 5.60 -3.04 -13.00
C PRO A 81 6.28 -4.39 -12.72
N GLU A 82 7.62 -4.45 -12.66
CA GLU A 82 8.36 -5.73 -12.52
C GLU A 82 7.92 -6.59 -11.36
N TYR A 83 7.73 -6.00 -10.18
CA TYR A 83 7.34 -6.79 -9.03
C TYR A 83 5.89 -7.30 -9.10
N GLU A 84 4.94 -6.41 -9.39
CA GLU A 84 3.57 -6.84 -9.66
C GLU A 84 3.51 -7.95 -10.70
N SER A 85 4.24 -7.75 -11.78
CA SER A 85 4.28 -8.73 -12.82
C SER A 85 4.88 -10.12 -12.37
N LEU A 86 5.92 -10.15 -11.53
CA LEU A 86 6.41 -11.39 -10.91
C LEU A 86 5.31 -12.05 -10.04
N GLY A 87 4.63 -11.25 -9.25
CA GLY A 87 3.54 -11.71 -8.40
C GLY A 87 2.41 -12.35 -9.17
N PHE A 88 2.07 -11.74 -10.31
CA PHE A 88 0.96 -12.13 -11.19
C PHE A 88 1.31 -13.47 -11.88
N GLU A 89 2.54 -13.58 -12.35
CA GLU A 89 3.05 -14.82 -12.95
C GLU A 89 3.00 -16.01 -12.00
N LEU A 90 3.56 -15.85 -10.80
CA LEU A 90 3.55 -16.93 -9.80
C LEU A 90 2.16 -17.31 -9.30
N THR A 91 1.27 -16.34 -9.15
CA THR A 91 -0.16 -16.63 -8.79
C THR A 91 -0.84 -17.39 -9.91
N VAL A 92 -0.67 -16.94 -11.15
CA VAL A 92 -1.19 -17.64 -12.33
C VAL A 92 -0.66 -19.10 -12.35
N GLU A 93 0.67 -19.25 -12.29
N GLU A 93 0.67 -19.25 -12.29
CA GLU A 93 1.30 -20.57 -12.28
CA GLU A 93 1.31 -20.57 -12.28
C GLU A 93 0.70 -21.45 -11.20
C GLU A 93 0.66 -21.44 -11.22
N ARG A 94 0.44 -20.86 -10.04
CA ARG A 94 -0.17 -21.57 -8.90
C ARG A 94 -1.61 -22.04 -9.20
N LEU A 95 -2.44 -21.15 -9.74
CA LEU A 95 -3.78 -21.51 -10.18
C LEU A 95 -3.77 -22.60 -11.27
N VAL A 96 -2.86 -22.49 -12.23
CA VAL A 96 -2.78 -23.48 -13.31
C VAL A 96 -2.38 -24.81 -12.73
N SER A 97 -1.57 -24.79 -11.68
CA SER A 97 -1.08 -26.05 -11.14
C SER A 97 -2.09 -26.77 -10.24
N ILE A 98 -3.08 -26.06 -9.71
CA ILE A 98 -4.19 -26.66 -8.93
C ILE A 98 -5.43 -27.01 -9.79
N GLY A 99 -5.32 -26.75 -11.09
CA GLY A 99 -6.33 -27.18 -12.03
C GLY A 99 -7.00 -26.15 -12.93
N TYR A 100 -6.71 -24.85 -12.77
CA TYR A 100 -7.23 -23.84 -13.70
C TYR A 100 -6.76 -24.11 -15.15
N PRO A 101 -7.51 -23.60 -16.16
CA PRO A 101 -7.11 -23.95 -17.54
C PRO A 101 -5.76 -23.36 -17.98
N GLN A 102 -5.10 -24.03 -18.93
CA GLN A 102 -3.82 -23.57 -19.47
C GLN A 102 -3.86 -22.17 -20.08
N GLU A 103 -5.01 -21.75 -20.60
CA GLU A 103 -5.13 -20.39 -21.16
C GLU A 103 -4.68 -19.25 -20.25
N LEU A 104 -4.79 -19.45 -18.93
CA LEU A 104 -4.30 -18.50 -17.93
C LEU A 104 -2.84 -18.12 -18.16
N LEU A 105 -2.06 -19.08 -18.67
CA LEU A 105 -0.66 -18.88 -19.00
C LEU A 105 -0.42 -17.82 -20.10
N SER A 106 -1.47 -17.44 -20.82
N SER A 106 -1.48 -17.42 -20.80
CA SER A 106 -1.33 -16.41 -21.85
CA SER A 106 -1.37 -16.42 -21.85
C SER A 106 -1.54 -14.99 -21.31
C SER A 106 -1.81 -15.02 -21.40
N PHE A 107 -2.08 -14.87 -20.08
CA PHE A 107 -2.29 -13.57 -19.46
C PHE A 107 -0.91 -12.93 -19.27
N ALA A 108 -0.84 -11.61 -19.27
CA ALA A 108 0.40 -10.90 -19.02
C ALA A 108 -0.06 -9.71 -18.26
N TYR A 109 0.63 -9.43 -17.15
CA TYR A 109 0.27 -8.33 -16.25
C TYR A 109 0.25 -7.01 -17.01
N ASP A 110 -0.78 -6.22 -16.78
CA ASP A 110 -0.90 -4.94 -17.44
C ASP A 110 -1.12 -3.86 -16.39
N SER A 111 -0.08 -3.06 -16.14
CA SER A 111 -0.10 -1.99 -15.14
C SER A 111 -1.11 -0.90 -15.39
N THR A 112 -1.57 -0.73 -16.64
CA THR A 112 -2.53 0.32 -16.97
C THR A 112 -3.95 0.00 -16.53
N PHE A 113 -4.22 -1.25 -16.18
CA PHE A 113 -5.55 -1.60 -15.74
C PHE A 113 -5.84 -1.31 -14.27
N PRO A 114 -5.07 -1.91 -13.30
CA PRO A 114 -5.61 -1.77 -11.93
C PRO A 114 -5.26 -0.44 -11.27
N THR A 115 -6.16 0.03 -10.44
CA THR A 115 -5.90 1.12 -9.55
C THR A 115 -6.12 0.49 -8.21
N ARG A 116 -5.40 1.00 -7.24
CA ARG A 116 -5.51 0.47 -5.90
C ARG A 116 -6.77 0.97 -5.18
N GLY A 117 -7.32 0.13 -4.28
CA GLY A 117 -8.46 0.49 -3.47
C GLY A 117 -9.80 0.02 -4.03
N LEU A 118 -9.75 -0.80 -5.07
CA LEU A 118 -10.98 -1.29 -5.70
C LEU A 118 -11.65 -2.32 -4.79
N VAL A 119 -12.93 -2.50 -4.97
CA VAL A 119 -13.72 -3.47 -4.22
C VAL A 119 -14.13 -4.59 -5.18
N PHE A 120 -13.82 -5.85 -4.84
CA PHE A 120 -14.35 -6.95 -5.62
C PHE A 120 -15.67 -7.38 -5.05
N ASP A 121 -16.68 -7.43 -5.92
CA ASP A 121 -17.96 -7.86 -5.48
C ASP A 121 -18.06 -9.34 -5.79
N THR A 122 -18.02 -10.21 -4.78
CA THR A 122 -17.94 -11.70 -5.01
C THR A 122 -19.26 -12.30 -5.46
N LEU A 123 -20.34 -11.51 -5.35
CA LEU A 123 -21.63 -12.01 -5.77
C LEU A 123 -21.71 -11.93 -7.30
N TYR A 124 -21.44 -10.77 -7.89
CA TYR A 124 -21.58 -10.58 -9.35
C TYR A 124 -20.32 -10.55 -10.19
N GLY A 125 -19.16 -10.67 -9.55
CA GLY A 125 -17.88 -10.70 -10.23
C GLY A 125 -17.46 -9.37 -10.84
N ASN A 126 -17.72 -8.26 -10.15
CA ASN A 126 -17.46 -6.93 -10.67
C ASN A 126 -16.37 -6.35 -9.80
N LEU A 127 -15.43 -5.62 -10.38
CA LEU A 127 -14.57 -4.69 -9.65
C LEU A 127 -15.26 -3.34 -9.60
N LEU A 128 -15.38 -2.80 -8.42
CA LEU A 128 -16.03 -1.52 -8.18
C LEU A 128 -15.04 -0.51 -7.58
N LYS A 129 -15.12 0.74 -8.07
CA LYS A 129 -14.50 1.85 -7.37
C LYS A 129 -15.64 2.63 -6.73
N VAL A 130 -15.58 2.82 -5.41
CA VAL A 130 -16.66 3.42 -4.62
C VAL A 130 -16.15 4.63 -3.84
N ASP A 131 -17.05 5.51 -3.43
CA ASP A 131 -16.71 6.57 -2.46
C ASP A 131 -16.89 6.01 -1.02
N ALA A 132 -16.77 6.89 -0.01
CA ALA A 132 -16.79 6.49 1.40
C ALA A 132 -18.17 6.02 1.83
N TYR A 133 -19.20 6.42 1.12
CA TYR A 133 -20.56 5.97 1.35
C TYR A 133 -20.96 4.72 0.60
N GLY A 134 -20.03 4.08 -0.11
CA GLY A 134 -20.40 2.91 -0.91
C GLY A 134 -21.08 3.21 -2.24
N ASN A 135 -21.11 4.48 -2.62
CA ASN A 135 -21.63 4.88 -3.93
C ASN A 135 -20.69 4.47 -5.05
N LEU A 136 -21.23 3.91 -6.13
CA LEU A 136 -20.45 3.38 -7.26
C LEU A 136 -19.95 4.48 -8.11
N LEU A 137 -18.63 4.55 -8.29
CA LEU A 137 -18.03 5.53 -9.16
C LEU A 137 -17.74 4.87 -10.50
N VAL A 138 -17.27 3.62 -10.44
CA VAL A 138 -16.91 2.88 -11.64
C VAL A 138 -17.27 1.41 -11.38
N CYS A 139 -17.78 0.74 -12.41
CA CYS A 139 -18.05 -0.67 -12.34
C CYS A 139 -17.49 -1.40 -13.57
N ALA A 140 -16.60 -2.38 -13.35
CA ALA A 140 -16.14 -3.18 -14.48
C ALA A 140 -16.43 -4.68 -14.32
N HIS A 141 -16.97 -5.28 -15.36
CA HIS A 141 -17.14 -6.73 -15.36
C HIS A 141 -16.16 -7.33 -16.36
N GLY A 142 -15.12 -8.01 -15.88
CA GLY A 142 -14.04 -8.35 -16.77
C GLY A 142 -13.38 -7.03 -17.16
N PHE A 143 -13.19 -6.84 -18.46
CA PHE A 143 -12.71 -5.58 -18.97
C PHE A 143 -13.83 -4.75 -19.60
N ASN A 144 -15.05 -5.00 -19.20
CA ASN A 144 -16.20 -4.33 -19.76
C ASN A 144 -16.72 -3.36 -18.72
N PHE A 145 -16.62 -2.06 -19.04
CA PHE A 145 -17.00 -1.00 -18.11
C PHE A 145 -18.48 -0.71 -18.25
N ILE A 146 -19.20 -1.04 -17.18
CA ILE A 146 -20.65 -0.99 -17.14
C ILE A 146 -21.01 0.45 -16.76
N ARG A 147 -21.79 1.12 -17.58
CA ARG A 147 -22.13 2.48 -17.23
C ARG A 147 -23.57 2.71 -16.81
N GLY A 148 -23.85 3.93 -16.37
CA GLY A 148 -25.21 4.45 -16.12
C GLY A 148 -26.31 3.44 -15.80
N PRO A 149 -27.31 3.32 -16.72
CA PRO A 149 -28.51 2.51 -16.49
C PRO A 149 -28.27 1.02 -16.29
N GLU A 150 -27.23 0.50 -16.91
CA GLU A 150 -26.93 -0.94 -16.86
C GLU A 150 -26.47 -1.45 -15.48
N THR A 151 -25.84 -0.59 -14.69
CA THR A 151 -25.39 -0.94 -13.34
C THR A 151 -26.58 -1.02 -12.39
N ARG A 152 -27.64 -0.28 -12.71
CA ARG A 152 -28.87 -0.28 -11.90
C ARG A 152 -29.62 -1.61 -11.89
N GLU A 153 -29.32 -2.50 -12.81
CA GLU A 153 -29.86 -3.87 -12.75
C GLU A 153 -29.43 -4.59 -11.45
N GLN A 154 -28.10 -4.66 -11.22
CA GLN A 154 -27.46 -5.31 -10.07
C GLN A 154 -27.22 -4.43 -8.80
N TYR A 155 -27.29 -3.11 -8.97
CA TYR A 155 -27.04 -2.13 -7.91
C TYR A 155 -28.12 -1.10 -8.09
N PRO A 156 -29.34 -1.43 -7.65
CA PRO A 156 -30.51 -0.63 -7.91
C PRO A 156 -30.44 0.78 -7.29
N ASN A 157 -29.60 0.92 -6.27
CA ASN A 157 -29.42 2.24 -5.63
C ASN A 157 -27.99 2.78 -5.94
N LYS A 158 -27.32 2.13 -6.87
CA LYS A 158 -25.98 2.55 -7.28
C LYS A 158 -25.04 2.67 -6.04
N PHE A 159 -25.14 1.67 -5.18
CA PHE A 159 -24.64 1.72 -3.81
C PHE A 159 -24.36 0.30 -3.34
N ILE A 160 -23.26 0.12 -2.62
CA ILE A 160 -22.99 -1.14 -1.89
C ILE A 160 -22.96 -0.95 -0.34
N GLN A 161 -23.40 -1.99 0.37
CA GLN A 161 -23.25 -2.07 1.82
C GLN A 161 -21.82 -2.48 2.20
N ARG A 162 -21.00 -1.49 2.54
CA ARG A 162 -19.62 -1.76 2.96
C ARG A 162 -19.50 -2.70 4.18
N ASP A 163 -20.46 -2.69 5.12
CA ASP A 163 -20.38 -3.65 6.21
C ASP A 163 -20.53 -5.15 5.82
N ASP A 164 -20.88 -5.43 4.56
CA ASP A 164 -21.03 -6.79 4.04
C ASP A 164 -19.69 -7.35 3.63
N THR A 165 -18.91 -7.74 4.62
CA THR A 165 -17.53 -8.12 4.38
C THR A 165 -17.39 -9.49 3.71
N GLU A 166 -18.39 -10.34 3.89
CA GLU A 166 -18.45 -11.65 3.24
C GLU A 166 -18.62 -11.50 1.72
N ARG A 167 -19.24 -10.42 1.25
CA ARG A 167 -19.45 -10.19 -0.19
C ARG A 167 -18.43 -9.27 -0.86
N PHE A 168 -18.08 -8.20 -0.19
CA PHE A 168 -17.18 -7.18 -0.73
C PHE A 168 -15.78 -7.24 -0.12
N TYR A 169 -14.76 -7.38 -0.98
CA TYR A 169 -13.35 -7.38 -0.55
C TYR A 169 -12.59 -6.13 -1.08
N ILE A 170 -12.03 -5.33 -0.17
CA ILE A 170 -11.29 -4.12 -0.54
C ILE A 170 -9.85 -4.46 -0.76
N LEU A 171 -9.35 -4.12 -1.95
CA LEU A 171 -7.98 -4.41 -2.34
C LEU A 171 -7.12 -3.18 -2.05
N ASN A 172 -6.63 -3.12 -0.81
CA ASN A 172 -5.96 -1.97 -0.25
C ASN A 172 -4.52 -1.68 -0.64
N THR A 173 -3.76 -2.72 -0.92
CA THR A 173 -2.31 -2.53 -0.89
C THR A 173 -1.75 -2.76 -2.26
N LEU A 174 -0.50 -2.35 -2.43
CA LEU A 174 0.22 -2.57 -3.66
C LEU A 174 0.44 -4.09 -3.90
N PHE A 175 0.43 -4.89 -2.84
CA PHE A 175 0.52 -6.36 -2.99
C PHE A 175 -0.68 -6.91 -3.71
N ASN A 176 -1.80 -6.17 -3.66
CA ASN A 176 -3.10 -6.57 -4.21
C ASN A 176 -3.28 -6.15 -5.66
N LEU A 177 -2.32 -5.43 -6.22
CA LEU A 177 -2.43 -5.03 -7.63
C LEU A 177 -2.46 -6.21 -8.60
N PRO A 178 -1.57 -7.20 -8.43
CA PRO A 178 -1.64 -8.40 -9.30
C PRO A 178 -3.02 -9.11 -9.29
N GLU A 179 -3.61 -9.31 -8.13
CA GLU A 179 -4.91 -10.00 -8.06
C GLU A 179 -6.03 -9.15 -8.55
N THR A 180 -5.96 -7.83 -8.37
CA THR A 180 -6.94 -6.90 -8.97
C THR A 180 -7.02 -7.14 -10.47
N TYR A 181 -5.88 -7.13 -11.15
CA TYR A 181 -5.85 -7.40 -12.57
C TYR A 181 -6.24 -8.86 -12.88
N LEU A 182 -5.74 -9.82 -12.09
CA LEU A 182 -6.00 -11.24 -12.38
C LEU A 182 -7.52 -11.58 -12.27
N LEU A 183 -8.21 -10.97 -11.33
CA LEU A 183 -9.65 -11.15 -11.20
C LEU A 183 -10.41 -10.71 -12.44
N ALA A 184 -10.08 -9.55 -12.99
CA ALA A 184 -10.64 -9.07 -14.24
C ALA A 184 -10.28 -9.98 -15.45
N CYS A 185 -9.04 -10.42 -15.53
CA CYS A 185 -8.59 -11.38 -16.53
C CYS A 185 -9.38 -12.66 -16.52
N LEU A 186 -9.54 -13.28 -15.35
CA LEU A 186 -10.39 -14.50 -15.19
C LEU A 186 -11.85 -14.33 -15.59
N VAL A 187 -12.51 -13.31 -15.07
CA VAL A 187 -13.88 -12.96 -15.49
C VAL A 187 -13.97 -12.72 -17.01
N ASP A 188 -13.06 -11.94 -17.57
CA ASP A 188 -12.97 -11.81 -19.03
C ASP A 188 -12.79 -13.15 -19.74
N PHE A 189 -11.88 -14.00 -19.24
CA PHE A 189 -11.59 -15.29 -19.87
C PHE A 189 -12.80 -16.23 -19.86
N PHE A 190 -13.42 -16.42 -18.72
CA PHE A 190 -14.58 -17.32 -18.62
C PHE A 190 -15.80 -16.80 -19.37
N THR A 191 -16.02 -15.47 -19.35
CA THR A 191 -17.12 -14.88 -20.11
C THR A 191 -17.04 -15.20 -21.59
N ASN A 192 -15.84 -15.07 -22.14
CA ASN A 192 -15.66 -15.16 -23.58
C ASN A 192 -15.22 -16.54 -24.09
N CYS A 193 -15.01 -17.50 -23.18
CA CYS A 193 -14.65 -18.83 -23.55
C CYS A 193 -15.91 -19.66 -23.69
N PRO A 194 -16.15 -20.20 -24.90
CA PRO A 194 -17.40 -20.93 -25.19
C PRO A 194 -17.58 -22.29 -24.49
N ARG A 195 -16.54 -22.78 -23.83
N ARG A 195 -16.55 -22.81 -23.83
CA ARG A 195 -16.64 -23.99 -22.98
CA ARG A 195 -16.70 -23.99 -22.94
C ARG A 195 -17.46 -23.71 -21.70
C ARG A 195 -17.71 -23.70 -21.83
N TYR A 196 -17.71 -22.44 -21.39
CA TYR A 196 -18.48 -22.02 -20.20
C TYR A 196 -19.75 -21.20 -20.49
N THR A 197 -20.76 -21.39 -19.66
CA THR A 197 -21.98 -20.61 -19.71
C THR A 197 -21.94 -19.59 -18.56
N SER A 198 -22.26 -18.34 -18.87
CA SER A 198 -22.27 -17.29 -17.86
C SER A 198 -23.61 -17.21 -17.16
N CYS A 199 -23.60 -17.22 -15.84
CA CYS A 199 -24.82 -16.97 -15.09
C CYS A 199 -24.59 -15.69 -14.29
N GLU A 200 -25.63 -15.21 -13.62
CA GLU A 200 -25.51 -14.06 -12.74
C GLU A 200 -24.34 -14.11 -11.73
N THR A 201 -24.13 -15.27 -11.11
CA THR A 201 -23.23 -15.41 -9.99
C THR A 201 -22.00 -16.26 -10.27
N GLY A 202 -21.82 -16.67 -11.54
CA GLY A 202 -20.66 -17.43 -11.95
C GLY A 202 -20.74 -18.12 -13.31
N PHE A 203 -19.95 -19.19 -13.46
CA PHE A 203 -19.84 -19.96 -14.71
C PHE A 203 -20.16 -21.43 -14.57
N LYS A 204 -20.88 -21.93 -15.57
CA LYS A 204 -21.23 -23.33 -15.68
C LYS A 204 -20.30 -23.99 -16.71
N ASP A 205 -19.70 -25.10 -16.32
CA ASP A 205 -18.89 -25.92 -17.22
C ASP A 205 -19.49 -27.33 -17.13
N GLY A 206 -20.62 -27.54 -17.78
CA GLY A 206 -21.32 -28.81 -17.68
C GLY A 206 -21.94 -28.98 -16.30
N ASP A 207 -21.49 -30.01 -15.59
CA ASP A 207 -21.91 -30.34 -14.22
C ASP A 207 -21.06 -29.69 -13.13
N LEU A 208 -20.26 -28.70 -13.51
CA LEU A 208 -19.48 -27.98 -12.56
C LEU A 208 -19.91 -26.50 -12.51
N PHE A 209 -20.19 -25.99 -11.32
CA PHE A 209 -20.53 -24.59 -11.20
C PHE A 209 -19.45 -23.87 -10.44
N MET A 210 -18.86 -22.88 -11.09
N MET A 210 -18.76 -22.95 -11.11
CA MET A 210 -17.83 -22.06 -10.50
CA MET A 210 -17.83 -22.06 -10.43
C MET A 210 -18.38 -20.66 -10.25
C MET A 210 -18.44 -20.69 -10.25
N SER A 211 -18.69 -20.36 -8.99
CA SER A 211 -19.18 -19.06 -8.58
C SER A 211 -18.06 -18.03 -8.56
N TYR A 212 -18.41 -16.75 -8.67
CA TYR A 212 -17.37 -15.70 -8.59
C TYR A 212 -16.75 -15.68 -7.20
N ARG A 213 -17.54 -16.00 -6.16
CA ARG A 213 -17.07 -16.17 -4.78
C ARG A 213 -15.96 -17.25 -4.65
N SER A 214 -16.17 -18.43 -5.22
CA SER A 214 -15.16 -19.47 -5.05
C SER A 214 -13.96 -19.21 -5.96
N MET A 215 -14.20 -18.61 -7.11
CA MET A 215 -13.11 -18.15 -7.95
C MET A 215 -12.23 -17.09 -7.21
N PHE A 216 -12.89 -16.13 -6.57
CA PHE A 216 -12.15 -15.09 -5.83
C PHE A 216 -11.30 -15.74 -4.73
N GLN A 217 -11.89 -16.65 -3.95
CA GLN A 217 -11.19 -17.41 -2.90
C GLN A 217 -9.97 -18.18 -3.43
N ASP A 218 -10.09 -18.78 -4.60
CA ASP A 218 -8.96 -19.46 -5.25
C ASP A 218 -7.78 -18.48 -5.54
N VAL A 219 -8.09 -17.28 -6.00
CA VAL A 219 -7.09 -16.28 -6.32
C VAL A 219 -6.37 -15.82 -5.03
N ARG A 220 -7.17 -15.42 -4.05
CA ARG A 220 -6.73 -15.08 -2.69
C ARG A 220 -5.85 -16.19 -2.05
N ASP A 221 -6.33 -17.43 -2.10
CA ASP A 221 -5.59 -18.59 -1.64
C ASP A 221 -4.25 -18.69 -2.36
N ALA A 222 -4.27 -18.44 -3.67
CA ALA A 222 -3.07 -18.57 -4.51
C ALA A 222 -2.05 -17.49 -4.17
N VAL A 223 -2.52 -16.25 -4.00
CA VAL A 223 -1.68 -15.14 -3.61
C VAL A 223 -1.04 -15.46 -2.25
N ASP A 224 -1.84 -15.85 -1.26
CA ASP A 224 -1.34 -16.26 0.04
C ASP A 224 -0.23 -17.30 -0.09
N TRP A 225 -0.46 -18.33 -0.92
CA TRP A 225 0.47 -19.43 -1.12
C TRP A 225 1.80 -18.93 -1.71
N VAL A 226 1.73 -18.04 -2.68
CA VAL A 226 2.91 -17.46 -3.30
C VAL A 226 3.81 -16.71 -2.28
N HIS A 227 3.21 -16.00 -1.32
CA HIS A 227 3.95 -15.34 -0.27
C HIS A 227 4.43 -16.31 0.79
N TYR A 228 3.60 -17.28 1.10
CA TYR A 228 3.85 -18.13 2.24
C TYR A 228 4.74 -19.37 1.95
N LYS A 229 4.55 -19.98 0.79
CA LYS A 229 5.12 -21.28 0.47
C LYS A 229 5.60 -21.35 -0.95
N GLY A 230 5.36 -20.29 -1.71
CA GLY A 230 5.80 -20.15 -3.10
C GLY A 230 7.19 -19.52 -3.25
N SER A 231 7.45 -18.96 -4.42
CA SER A 231 8.84 -18.62 -4.70
C SER A 231 9.06 -17.13 -4.89
N LEU A 232 8.06 -16.34 -4.52
CA LEU A 232 8.11 -14.90 -4.61
C LEU A 232 9.28 -14.29 -3.84
N LYS A 233 9.43 -14.68 -2.58
CA LYS A 233 10.56 -14.22 -1.76
C LYS A 233 11.92 -14.63 -2.32
N GLU A 234 12.02 -15.89 -2.72
N GLU A 234 12.08 -15.89 -2.69
CA GLU A 234 13.24 -16.43 -3.33
CA GLU A 234 13.40 -16.35 -3.11
C GLU A 234 13.58 -15.63 -4.58
C GLU A 234 13.82 -15.72 -4.45
N LYS A 235 12.60 -15.47 -5.46
N LYS A 235 12.83 -15.47 -5.31
CA LYS A 235 12.84 -14.76 -6.73
CA LYS A 235 13.12 -14.83 -6.60
C LYS A 235 13.26 -13.31 -6.53
C LYS A 235 13.29 -13.30 -6.52
N THR A 236 12.69 -12.66 -5.52
CA THR A 236 12.95 -11.22 -5.24
C THR A 236 14.40 -11.02 -4.76
N VAL A 237 14.79 -11.85 -3.80
CA VAL A 237 16.08 -11.81 -3.14
C VAL A 237 17.25 -12.19 -4.08
N GLU A 238 17.00 -13.01 -5.09
CA GLU A 238 18.07 -13.32 -6.02
C GLU A 238 18.22 -12.27 -7.13
N ASN A 239 17.35 -11.26 -7.18
CA ASN A 239 17.55 -10.10 -8.07
C ASN A 239 17.05 -8.80 -7.43
N LEU A 240 17.67 -8.43 -6.33
CA LEU A 240 17.20 -7.28 -5.55
C LEU A 240 17.21 -5.97 -6.34
N GLU A 241 18.21 -5.73 -7.18
CA GLU A 241 18.30 -4.51 -8.00
C GLU A 241 17.15 -4.35 -8.99
N LYS A 242 16.67 -5.46 -9.51
CA LYS A 242 15.54 -5.49 -10.39
C LYS A 242 14.23 -5.17 -9.70
N TYR A 243 14.14 -5.55 -8.41
CA TYR A 243 12.88 -5.51 -7.69
C TYR A 243 12.73 -4.48 -6.62
N VAL A 244 13.82 -3.94 -6.06
CA VAL A 244 13.72 -3.08 -4.86
C VAL A 244 14.45 -1.75 -5.04
N VAL A 245 13.75 -0.65 -4.73
CA VAL A 245 14.31 0.72 -4.75
C VAL A 245 15.29 0.84 -3.57
N LYS A 246 16.50 1.31 -3.85
CA LYS A 246 17.53 1.53 -2.86
C LYS A 246 17.84 3.03 -2.92
N ASP A 247 18.09 3.63 -1.76
CA ASP A 247 18.29 5.09 -1.63
C ASP A 247 19.41 5.38 -0.63
N GLY A 248 20.49 6.01 -1.04
CA GLY A 248 21.54 6.39 -0.11
C GLY A 248 21.06 7.23 1.04
N LYS A 249 19.93 7.94 0.86
CA LYS A 249 19.46 8.89 1.87
C LYS A 249 18.73 8.24 3.06
N LEU A 250 18.40 6.96 2.95
CA LEU A 250 17.69 6.26 4.02
C LEU A 250 18.47 6.17 5.35
N PRO A 251 19.73 5.70 5.35
CA PRO A 251 20.52 5.73 6.60
C PRO A 251 20.70 7.13 7.20
N LEU A 252 20.78 8.14 6.36
CA LEU A 252 20.93 9.53 6.82
C LEU A 252 19.69 9.97 7.63
N LEU A 253 18.50 9.68 7.10
CA LEU A 253 17.22 10.02 7.80
C LEU A 253 17.07 9.28 9.12
N LEU A 254 17.34 7.99 9.08
CA LEU A 254 17.23 7.14 10.27
C LEU A 254 18.19 7.57 11.33
N SER A 255 19.44 7.86 10.94
CA SER A 255 20.43 8.31 11.89
C SER A 255 20.08 9.66 12.50
N ARG A 256 19.47 10.56 11.71
CA ARG A 256 19.05 11.89 12.21
C ARG A 256 17.93 11.76 13.22
N MET A 257 17.02 10.81 12.92
CA MET A 257 15.88 10.51 13.77
C MET A 257 16.33 9.91 15.09
N LYS A 258 17.38 9.09 15.03
CA LYS A 258 17.91 8.45 16.22
C LYS A 258 18.55 9.46 17.18
N GLU A 259 18.95 10.63 16.69
CA GLU A 259 19.48 11.70 17.55
C GLU A 259 18.46 12.43 18.39
N VAL A 260 17.22 12.46 17.93
CA VAL A 260 16.15 13.14 18.67
C VAL A 260 15.14 12.23 19.31
N GLY A 261 15.18 10.93 18.99
CA GLY A 261 14.22 10.01 19.56
C GLY A 261 14.65 8.60 19.24
N LYS A 262 13.73 7.68 19.48
CA LYS A 262 13.96 6.26 19.28
C LYS A 262 13.37 5.81 17.97
N VAL A 263 13.98 4.79 17.35
CA VAL A 263 13.52 4.27 16.07
C VAL A 263 13.15 2.79 16.19
N PHE A 264 12.00 2.39 15.67
CA PHE A 264 11.64 0.95 15.64
C PHE A 264 11.17 0.44 14.28
N LEU A 265 11.29 -0.85 14.10
CA LEU A 265 10.80 -1.55 12.91
C LEU A 265 9.68 -2.50 13.40
N ALA A 266 8.50 -2.45 12.75
CA ALA A 266 7.48 -3.46 12.98
C ALA A 266 6.99 -3.98 11.62
N THR A 267 7.36 -5.20 11.28
CA THR A 267 6.99 -5.79 9.98
C THR A 267 6.16 -7.04 10.14
N ASN A 268 5.22 -7.25 9.22
CA ASN A 268 4.49 -8.52 9.14
C ASN A 268 5.40 -9.65 8.61
N SER A 269 6.49 -9.28 7.92
CA SER A 269 7.46 -10.28 7.41
C SER A 269 8.22 -11.04 8.51
N ASP A 270 8.85 -12.14 8.12
CA ASP A 270 9.70 -12.93 8.99
C ASP A 270 11.09 -12.33 9.04
N TYR A 271 11.90 -12.79 9.98
CA TYR A 271 13.24 -12.24 10.18
C TYR A 271 14.18 -12.48 9.00
N LYS A 272 14.19 -13.71 8.46
CA LYS A 272 15.10 -14.09 7.35
C LYS A 272 14.90 -13.21 6.14
N TYR A 273 13.65 -13.01 5.74
CA TYR A 273 13.35 -12.08 4.66
C TYR A 273 13.68 -10.59 4.99
N THR A 274 13.31 -10.16 6.19
CA THR A 274 13.59 -8.81 6.64
C THR A 274 15.09 -8.52 6.61
N ASP A 275 15.89 -9.50 7.06
CA ASP A 275 17.33 -9.34 7.08
C ASP A 275 17.92 -9.26 5.64
N LYS A 276 17.50 -10.13 4.71
CA LYS A 276 17.92 -9.99 3.30
C LYS A 276 17.59 -8.62 2.70
N ILE A 277 16.33 -8.18 2.82
CA ILE A 277 15.89 -6.87 2.32
C ILE A 277 16.56 -5.67 3.02
N MET A 278 16.54 -5.65 4.34
CA MET A 278 17.16 -4.55 5.07
C MET A 278 18.64 -4.47 4.76
N THR A 279 19.34 -5.61 4.74
CA THR A 279 20.75 -5.61 4.43
C THR A 279 21.03 -4.90 3.12
N TYR A 280 20.21 -5.21 2.13
CA TYR A 280 20.38 -4.69 0.79
C TYR A 280 20.12 -3.18 0.83
N LEU A 281 19.04 -2.78 1.48
CA LEU A 281 18.71 -1.35 1.66
C LEU A 281 19.81 -0.47 2.29
N PHE A 282 20.67 -1.09 3.09
CA PHE A 282 21.78 -0.38 3.71
C PHE A 282 23.11 -0.63 3.03
N ASP A 283 23.07 -1.34 1.91
CA ASP A 283 24.32 -1.77 1.34
C ASP A 283 24.91 -0.66 0.46
N PHE A 284 25.70 0.16 1.10
CA PHE A 284 26.38 1.26 0.44
C PHE A 284 27.76 1.21 1.01
N PRO A 285 28.75 1.78 0.29
CA PRO A 285 30.08 1.64 0.87
C PRO A 285 30.36 2.68 1.97
N HIS A 286 29.32 3.10 2.68
CA HIS A 286 29.38 4.15 3.70
C HIS A 286 28.20 3.94 4.65
N GLY A 287 28.20 4.67 5.76
CA GLY A 287 27.09 4.62 6.69
C GLY A 287 26.14 5.77 6.34
N PRO A 288 25.62 6.49 7.36
CA PRO A 288 24.63 7.56 7.10
C PRO A 288 24.99 8.47 5.94
N LYS A 289 26.26 8.90 5.84
CA LYS A 289 26.67 9.84 4.80
C LYS A 289 27.99 9.41 4.17
N PRO A 290 28.23 9.77 2.89
CA PRO A 290 29.53 9.45 2.33
C PRO A 290 30.70 9.79 3.24
N GLY A 291 31.67 8.86 3.26
CA GLY A 291 32.85 8.98 4.07
C GLY A 291 32.79 8.25 5.42
N SER A 292 31.59 8.00 5.94
CA SER A 292 31.41 7.39 7.24
C SER A 292 31.47 5.86 7.15
N SER A 293 31.95 5.19 8.21
CA SER A 293 31.96 3.73 8.20
C SER A 293 30.52 3.17 8.05
N HIS A 294 30.38 2.14 7.23
CA HIS A 294 29.12 1.44 7.06
C HIS A 294 28.80 0.72 8.38
N ARG A 295 27.53 0.66 8.72
CA ARG A 295 27.10 -0.09 9.91
C ARG A 295 25.86 -0.93 9.61
N PRO A 296 25.69 -2.07 10.31
CA PRO A 296 24.59 -3.02 10.05
C PRO A 296 23.28 -2.30 10.13
N TRP A 297 22.33 -2.71 9.29
CA TRP A 297 20.97 -2.17 9.37
C TRP A 297 20.37 -2.19 10.81
N GLN A 298 20.70 -3.22 11.59
CA GLN A 298 20.11 -3.41 12.94
C GLN A 298 20.51 -2.30 13.88
N SER A 299 21.66 -1.68 13.66
CA SER A 299 22.12 -0.63 14.59
C SER A 299 21.30 0.65 14.45
N TYR A 300 20.47 0.75 13.44
CA TYR A 300 19.69 1.93 13.20
C TYR A 300 18.39 1.95 14.03
N PHE A 301 18.11 0.82 14.69
CA PHE A 301 16.84 0.61 15.38
C PHE A 301 17.04 0.27 16.84
N ASP A 302 16.21 0.89 17.67
CA ASP A 302 16.10 0.57 19.12
C ASP A 302 15.26 -0.67 19.41
N LEU A 303 14.37 -1.02 18.49
CA LEU A 303 13.51 -2.18 18.66
C LEU A 303 13.17 -2.70 17.25
N ILE A 304 13.40 -3.99 17.00
CA ILE A 304 13.07 -4.66 15.75
C ILE A 304 12.04 -5.74 16.04
N LEU A 305 10.90 -5.67 15.35
CA LEU A 305 9.84 -6.63 15.58
C LEU A 305 9.32 -7.15 14.26
N VAL A 306 9.41 -8.46 14.11
CA VAL A 306 9.00 -9.18 12.90
C VAL A 306 7.74 -9.99 13.22
N ASP A 307 7.11 -10.62 12.20
CA ASP A 307 5.90 -11.44 12.40
C ASP A 307 4.89 -10.69 13.26
N ALA A 308 4.79 -9.38 13.03
CA ALA A 308 3.88 -8.49 13.77
C ALA A 308 2.42 -8.91 13.77
N ARG A 309 1.95 -9.44 12.63
CA ARG A 309 0.51 -9.73 12.45
C ARG A 309 -0.41 -8.50 12.64
N LYS A 310 -0.01 -7.38 12.03
CA LYS A 310 -0.89 -6.22 11.93
C LYS A 310 -2.07 -6.66 11.04
N PRO A 311 -3.33 -6.18 11.29
CA PRO A 311 -3.79 -5.31 12.39
C PRO A 311 -4.05 -5.96 13.74
N LEU A 312 -4.17 -7.30 13.84
CA LEU A 312 -4.32 -7.96 15.18
C LEU A 312 -3.30 -7.42 16.25
N PHE A 313 -2.11 -7.06 15.79
CA PHE A 313 -1.06 -6.39 16.57
C PHE A 313 -1.55 -5.17 17.31
N PHE A 314 -2.49 -4.41 16.73
CA PHE A 314 -3.05 -3.23 17.40
C PHE A 314 -4.21 -3.51 18.32
N GLY A 315 -4.58 -4.78 18.42
CA GLY A 315 -5.51 -5.24 19.48
C GLY A 315 -4.76 -6.12 20.47
N GLU A 316 -5.27 -7.31 20.70
CA GLU A 316 -4.62 -8.24 21.64
C GLU A 316 -3.27 -8.81 21.18
N GLY A 317 -2.96 -8.69 19.89
CA GLY A 317 -1.75 -9.23 19.33
C GLY A 317 -1.62 -10.73 19.54
N THR A 318 -0.38 -11.16 19.54
CA THR A 318 -0.03 -12.55 19.86
C THR A 318 1.07 -12.55 20.94
N VAL A 319 1.39 -13.73 21.44
CA VAL A 319 2.53 -13.93 22.34
C VAL A 319 3.85 -13.34 21.81
N LEU A 320 4.48 -12.52 22.65
CA LEU A 320 5.85 -12.06 22.43
C LEU A 320 6.92 -13.20 22.38
N ARG A 321 7.65 -13.28 21.25
CA ARG A 321 8.68 -14.28 21.04
C ARG A 321 9.99 -13.56 20.78
N GLN A 322 11.08 -14.30 20.92
CA GLN A 322 12.40 -13.82 20.67
C GLN A 322 13.01 -14.64 19.53
N VAL A 323 13.53 -13.93 18.52
CA VAL A 323 14.28 -14.54 17.41
C VAL A 323 15.69 -14.92 17.81
N ASP A 324 16.00 -16.16 17.51
CA ASP A 324 17.35 -16.55 17.46
C ASP A 324 17.89 -16.09 16.10
N THR A 325 18.58 -14.95 16.09
CA THR A 325 19.09 -14.34 14.84
C THR A 325 20.21 -15.13 14.13
N LYS A 326 20.84 -16.05 14.87
CA LYS A 326 21.82 -16.96 14.30
C LYS A 326 21.19 -18.02 13.35
N THR A 327 20.06 -18.61 13.76
CA THR A 327 19.41 -19.69 12.99
C THR A 327 18.19 -19.16 12.23
N GLY A 328 17.76 -17.95 12.59
CA GLY A 328 16.58 -17.37 11.98
C GLY A 328 15.30 -18.01 12.47
N LYS A 329 15.41 -19.04 13.31
CA LYS A 329 14.26 -19.63 14.03
C LYS A 329 13.89 -18.88 15.33
N LEU A 330 12.63 -18.97 15.72
CA LEU A 330 12.13 -18.55 17.05
C LEU A 330 12.64 -19.39 18.20
N LYS A 331 13.05 -18.75 19.31
CA LYS A 331 13.38 -19.52 20.51
C LYS A 331 12.07 -20.06 21.01
N ILE A 332 12.14 -21.17 21.75
CA ILE A 332 10.92 -21.78 22.29
C ILE A 332 10.49 -21.05 23.57
N GLY A 333 9.23 -20.63 23.62
CA GLY A 333 8.67 -20.03 24.84
C GLY A 333 8.32 -18.57 24.62
N THR A 334 7.64 -17.98 25.60
CA THR A 334 7.31 -16.53 25.59
C THR A 334 8.46 -15.78 26.22
N TYR A 335 8.90 -14.74 25.52
CA TYR A 335 9.88 -13.81 26.03
C TYR A 335 9.35 -12.92 27.14
N THR A 336 9.93 -13.07 28.32
CA THR A 336 9.54 -12.37 29.56
C THR A 336 10.57 -11.30 30.00
N GLY A 337 11.75 -11.29 29.35
CA GLY A 337 12.85 -10.38 29.67
C GLY A 337 12.74 -8.92 29.23
N PRO A 338 13.76 -8.12 29.57
CA PRO A 338 13.71 -6.70 29.19
C PRO A 338 14.14 -6.51 27.73
N LEU A 339 14.00 -5.29 27.21
CA LEU A 339 14.63 -4.90 25.97
C LEU A 339 16.14 -4.93 26.12
N GLN A 340 16.82 -5.87 25.46
CA GLN A 340 18.28 -5.89 25.53
C GLN A 340 18.81 -5.54 24.17
N HIS A 341 20.07 -5.11 24.15
CA HIS A 341 20.76 -4.79 22.92
C HIS A 341 20.85 -6.01 22.00
N GLY A 342 20.48 -5.85 20.74
CA GLY A 342 20.67 -6.93 19.77
C GLY A 342 19.60 -8.01 19.72
N ILE A 343 18.55 -7.84 20.52
CA ILE A 343 17.43 -8.76 20.54
C ILE A 343 16.40 -8.45 19.44
N VAL A 344 15.90 -9.49 18.79
CA VAL A 344 14.90 -9.29 17.78
C VAL A 344 13.69 -10.03 18.23
N TYR A 345 12.59 -9.29 18.30
CA TYR A 345 11.28 -9.80 18.65
C TYR A 345 10.39 -10.24 17.48
N SER A 346 9.43 -11.08 17.83
CA SER A 346 8.48 -11.66 16.93
C SER A 346 7.13 -11.66 17.65
N GLY A 347 6.10 -11.16 16.98
CA GLY A 347 4.74 -11.22 17.47
C GLY A 347 4.50 -10.07 18.41
N GLY A 348 3.92 -10.36 19.58
CA GLY A 348 3.62 -9.32 20.56
C GLY A 348 2.43 -8.47 20.17
N SER A 349 2.37 -7.27 20.74
CA SER A 349 1.33 -6.30 20.43
C SER A 349 1.98 -4.93 20.42
N SER A 350 1.17 -3.92 20.10
CA SER A 350 1.63 -2.54 20.06
C SER A 350 2.00 -2.03 21.44
N ASP A 351 1.37 -2.59 22.48
CA ASP A 351 1.75 -2.38 23.89
C ASP A 351 3.18 -2.82 24.25
N THR A 352 3.70 -3.83 23.58
CA THR A 352 5.12 -4.21 23.66
C THR A 352 6.03 -3.03 23.30
N ILE A 353 5.77 -2.45 22.15
CA ILE A 353 6.52 -1.29 21.73
C ILE A 353 6.41 -0.16 22.73
N CYS A 354 5.18 0.17 23.15
CA CYS A 354 5.03 1.21 24.13
C CYS A 354 5.74 0.94 25.43
N ASP A 355 5.57 -0.26 25.98
CA ASP A 355 6.17 -0.56 27.27
C ASP A 355 7.68 -0.53 27.13
N LEU A 356 8.20 -1.23 26.12
CA LEU A 356 9.66 -1.30 25.89
C LEU A 356 10.37 0.02 25.52
N LEU A 357 9.68 0.92 24.85
CA LEU A 357 10.28 2.21 24.58
C LEU A 357 9.85 3.34 25.52
N GLY A 358 8.94 3.05 26.45
CA GLY A 358 8.40 4.09 27.32
C GLY A 358 7.63 5.15 26.57
N ALA A 359 6.95 4.76 25.51
CA ALA A 359 6.15 5.71 24.75
C ALA A 359 4.66 5.66 25.17
N LYS A 360 3.93 6.76 24.93
CA LYS A 360 2.46 6.69 24.84
C LYS A 360 2.22 6.86 23.36
N GLY A 361 1.01 6.60 22.90
CA GLY A 361 0.69 6.72 21.50
C GLY A 361 1.02 8.01 20.77
N LYS A 362 0.73 9.16 21.35
CA LYS A 362 0.95 10.44 20.69
C LYS A 362 2.44 10.87 20.58
N ASP A 363 3.31 10.10 21.25
CA ASP A 363 4.76 10.18 21.17
C ASP A 363 5.24 9.44 19.91
N ILE A 364 4.42 8.55 19.39
CA ILE A 364 4.86 7.67 18.32
C ILE A 364 4.42 8.21 16.99
N LEU A 365 5.36 8.32 16.03
CA LEU A 365 4.98 8.51 14.63
C LEU A 365 5.20 7.22 13.85
N TYR A 366 4.11 6.56 13.43
CA TYR A 366 4.20 5.34 12.71
C TYR A 366 4.00 5.56 11.20
N ILE A 367 4.98 5.09 10.44
CA ILE A 367 5.14 5.35 9.02
C ILE A 367 4.88 4.01 8.30
N GLY A 368 3.78 3.96 7.55
CA GLY A 368 3.31 2.70 6.93
C GLY A 368 2.62 2.98 5.60
N ASP A 369 2.33 1.93 4.84
CA ASP A 369 1.68 2.06 3.52
C ASP A 369 0.30 1.36 3.50
N HIS A 370 -0.06 0.69 4.58
CA HIS A 370 -1.28 -0.09 4.57
C HIS A 370 -2.34 0.73 5.27
N ILE A 371 -3.26 1.27 4.51
CA ILE A 371 -4.19 2.25 5.01
C ILE A 371 -5.03 1.74 6.18
N PHE A 372 -5.38 0.45 6.13
CA PHE A 372 -6.21 -0.16 7.14
C PHE A 372 -5.32 -0.71 8.24
N GLY A 373 -4.40 -1.58 7.84
CA GLY A 373 -3.66 -2.39 8.76
C GLY A 373 -2.60 -1.69 9.51
N ASP A 374 -2.05 -0.62 8.95
CA ASP A 374 -1.02 0.16 9.59
C ASP A 374 -1.61 1.44 10.21
N ILE A 375 -2.43 2.16 9.43
CA ILE A 375 -2.70 3.59 9.67
C ILE A 375 -4.02 3.74 10.44
N LEU A 376 -5.11 3.27 9.85
CA LEU A 376 -6.45 3.27 10.49
C LEU A 376 -6.41 2.59 11.85
N LYS A 377 -5.81 1.41 11.95
CA LYS A 377 -5.84 0.62 13.18
C LYS A 377 -4.96 1.16 14.32
N SER A 378 -3.77 1.62 14.01
CA SER A 378 -2.92 2.30 15.03
C SER A 378 -3.51 3.62 15.49
N LYS A 379 -4.13 4.36 14.56
CA LYS A 379 -4.83 5.60 14.96
C LYS A 379 -6.02 5.33 15.85
N LYS A 380 -6.95 4.48 15.42
CA LYS A 380 -8.18 4.31 16.20
C LYS A 380 -8.01 3.41 17.44
N ARG A 381 -7.14 2.42 17.35
CA ARG A 381 -6.98 1.50 18.47
C ARG A 381 -6.05 2.07 19.54
N GLN A 382 -5.01 2.82 19.12
CA GLN A 382 -3.94 3.20 20.03
C GLN A 382 -3.66 4.71 20.11
N GLY A 383 -4.14 5.47 19.14
CA GLY A 383 -3.98 6.90 19.15
C GLY A 383 -2.56 7.30 18.80
N TRP A 384 -1.90 6.47 18.01
CA TRP A 384 -0.60 6.79 17.44
C TRP A 384 -0.73 7.91 16.40
N ARG A 385 0.33 8.69 16.24
CA ARG A 385 0.41 9.64 15.11
C ARG A 385 0.77 8.83 13.86
N THR A 386 0.27 9.23 12.70
CA THR A 386 0.37 8.38 11.52
C THR A 386 0.96 9.13 10.30
N PHE A 387 1.75 8.40 9.51
CA PHE A 387 2.33 8.92 8.27
C PHE A 387 2.16 7.80 7.23
N LEU A 388 1.32 8.09 6.22
CA LEU A 388 1.04 7.15 5.16
C LEU A 388 1.90 7.46 3.97
N VAL A 389 2.59 6.43 3.51
CA VAL A 389 3.39 6.47 2.32
C VAL A 389 2.48 6.05 1.15
N ILE A 390 2.46 6.82 0.08
CA ILE A 390 1.62 6.46 -1.05
C ILE A 390 2.51 6.51 -2.28
N PRO A 391 3.17 5.37 -2.63
CA PRO A 391 4.11 5.40 -3.74
C PRO A 391 3.59 6.03 -5.05
N GLU A 392 2.33 5.80 -5.42
CA GLU A 392 1.76 6.24 -6.73
C GLU A 392 1.55 7.72 -6.76
N LEU A 393 1.70 8.36 -5.62
CA LEU A 393 1.49 9.83 -5.53
C LEU A 393 2.51 10.57 -6.40
N ALA A 394 3.71 9.98 -6.53
CA ALA A 394 4.73 10.50 -7.43
C ALA A 394 4.12 10.74 -8.83
N GLN A 395 3.48 9.71 -9.40
CA GLN A 395 2.80 9.87 -10.70
C GLN A 395 1.51 10.66 -10.61
N GLU A 396 0.69 10.39 -9.59
CA GLU A 396 -0.62 11.06 -9.46
C GLU A 396 -0.50 12.59 -9.42
N LEU A 397 0.55 13.08 -8.79
CA LEU A 397 0.88 14.51 -8.78
C LEU A 397 1.26 15.04 -10.18
N HIS A 398 2.10 14.31 -10.91
N HIS A 398 2.10 14.32 -10.92
CA HIS A 398 2.46 14.71 -12.27
CA HIS A 398 2.44 14.71 -12.30
C HIS A 398 1.22 14.78 -13.19
C HIS A 398 1.18 14.83 -13.15
N VAL A 399 0.28 13.86 -13.02
CA VAL A 399 -0.97 13.90 -13.78
C VAL A 399 -1.94 14.97 -13.24
N TRP A 400 -1.99 15.13 -11.91
CA TRP A 400 -2.88 16.13 -11.32
C TRP A 400 -2.47 17.51 -11.83
N THR A 401 -1.16 17.73 -11.88
CA THR A 401 -0.61 19.03 -12.31
C THR A 401 -0.85 19.30 -13.81
N ASP A 402 -0.32 18.44 -14.70
CA ASP A 402 -0.50 18.64 -16.14
C ASP A 402 -1.91 18.28 -16.68
N LYS A 403 -2.87 18.13 -15.78
CA LYS A 403 -4.29 18.00 -16.15
C LYS A 403 -5.16 18.81 -15.18
N SER A 404 -4.60 19.89 -14.65
CA SER A 404 -5.31 20.74 -13.69
C SER A 404 -6.36 21.60 -14.37
N SER A 405 -6.08 21.94 -15.64
CA SER A 405 -7.00 22.65 -16.51
C SER A 405 -8.28 21.84 -16.77
N LEU A 406 -8.16 20.52 -16.89
CA LEU A 406 -9.33 19.61 -17.00
C LEU A 406 -10.20 19.53 -15.73
N PHE A 407 -9.57 19.45 -14.55
CA PHE A 407 -10.32 19.43 -13.28
C PHE A 407 -10.97 20.79 -13.04
N GLU A 408 -10.21 21.85 -13.28
CA GLU A 408 -10.69 23.22 -13.12
C GLU A 408 -11.87 23.50 -14.06
N GLU A 409 -11.80 22.92 -15.26
CA GLU A 409 -12.91 22.92 -16.22
C GLU A 409 -14.13 22.18 -15.65
N LEU A 410 -13.87 21.01 -15.05
CA LEU A 410 -14.91 20.20 -14.41
C LEU A 410 -15.56 20.93 -13.24
N GLN A 411 -14.76 21.73 -12.54
CA GLN A 411 -15.20 22.51 -11.38
C GLN A 411 -16.20 23.61 -11.72
N SER A 412 -15.94 24.30 -12.84
CA SER A 412 -16.77 25.42 -13.27
C SER A 412 -18.23 25.04 -13.48
N LEU A 413 -18.43 23.99 -14.28
CA LEU A 413 -19.76 23.59 -14.79
C LEU A 413 -20.86 23.41 -13.74
N ASP A 414 -20.49 23.27 -12.47
CA ASP A 414 -21.44 22.83 -11.46
C ASP A 414 -22.38 23.92 -10.90
N ILE A 415 -23.08 24.61 -11.81
CA ILE A 415 -24.19 25.54 -11.45
C ILE A 415 -25.43 25.27 -12.30
N GLN A 438 -23.89 18.97 -18.56
CA GLN A 438 -24.17 17.73 -17.83
C GLN A 438 -23.71 16.50 -18.62
N ARG A 439 -24.09 16.46 -19.89
CA ARG A 439 -23.55 15.51 -20.87
C ARG A 439 -22.05 15.82 -20.99
N ARG A 440 -21.71 17.07 -20.70
CA ARG A 440 -20.33 17.57 -20.72
C ARG A 440 -19.54 17.09 -19.50
N ILE A 441 -20.20 17.15 -18.33
CA ILE A 441 -19.64 16.68 -17.04
C ILE A 441 -19.23 15.21 -17.11
N LYS A 442 -20.07 14.36 -17.72
CA LYS A 442 -19.75 12.93 -17.89
C LYS A 442 -18.49 12.72 -18.75
N LYS A 443 -18.37 13.54 -19.80
CA LYS A 443 -17.31 13.42 -20.81
C LYS A 443 -15.92 13.83 -20.27
N VAL A 444 -15.84 15.05 -19.73
CA VAL A 444 -14.65 15.57 -19.02
C VAL A 444 -14.13 14.61 -17.93
N THR A 445 -15.06 14.14 -17.10
CA THR A 445 -14.83 13.18 -16.03
C THR A 445 -14.10 11.92 -16.57
N HIS A 446 -14.63 11.36 -17.66
CA HIS A 446 -14.04 10.19 -18.31
C HIS A 446 -12.63 10.47 -18.87
N ASP A 447 -12.48 11.55 -19.63
CA ASP A 447 -11.16 11.89 -20.17
C ASP A 447 -10.16 12.20 -19.05
N MET A 448 -10.63 12.86 -17.99
CA MET A 448 -9.82 13.08 -16.81
C MET A 448 -9.27 11.76 -16.31
N ASP A 449 -10.16 10.85 -15.91
CA ASP A 449 -9.80 9.55 -15.31
C ASP A 449 -8.93 8.66 -16.17
N MET A 450 -9.10 8.76 -17.49
CA MET A 450 -8.41 7.91 -18.44
C MET A 450 -6.93 8.17 -18.43
N CYS A 451 -6.55 9.42 -18.19
CA CYS A 451 -5.16 9.84 -18.01
C CYS A 451 -4.45 9.03 -16.94
N TYR A 452 -5.21 8.51 -16.00
CA TYR A 452 -4.63 7.74 -14.89
C TYR A 452 -4.56 6.27 -15.20
N GLY A 453 -5.53 5.78 -15.97
CA GLY A 453 -5.63 4.36 -16.26
C GLY A 453 -7.08 4.01 -16.31
N MET A 454 -7.36 2.73 -16.57
CA MET A 454 -8.74 2.28 -16.82
C MET A 454 -9.62 2.33 -15.67
N MET A 455 -9.01 2.23 -14.48
CA MET A 455 -9.77 2.36 -13.26
C MET A 455 -9.52 3.71 -12.62
N GLY A 456 -8.95 4.64 -13.37
CA GLY A 456 -8.89 6.03 -12.96
C GLY A 456 -7.94 6.32 -11.82
N SER A 457 -8.00 7.55 -11.30
CA SER A 457 -7.18 7.96 -10.18
C SER A 457 -7.47 7.18 -8.88
N LEU A 458 -6.41 7.00 -8.11
CA LEU A 458 -6.47 6.43 -6.79
C LEU A 458 -7.42 7.21 -5.87
N PHE A 459 -7.54 8.52 -6.13
CA PHE A 459 -8.13 9.48 -5.18
C PHE A 459 -9.51 10.00 -5.50
N ARG A 460 -9.91 9.93 -6.77
CA ARG A 460 -11.17 10.49 -7.19
C ARG A 460 -11.60 9.95 -8.54
N SER A 461 -12.86 10.18 -8.89
CA SER A 461 -13.39 9.94 -10.24
C SER A 461 -14.10 11.24 -10.54
N GLY A 462 -13.44 12.09 -11.29
CA GLY A 462 -13.98 13.42 -11.52
C GLY A 462 -14.00 14.20 -10.22
N SER A 463 -15.16 14.73 -9.86
CA SER A 463 -15.28 15.51 -8.64
C SER A 463 -15.66 14.69 -7.39
N ARG A 464 -15.64 13.36 -7.52
CA ARG A 464 -16.06 12.50 -6.41
C ARG A 464 -14.82 11.84 -5.82
N GLN A 465 -14.66 11.90 -4.50
CA GLN A 465 -13.48 11.29 -3.90
C GLN A 465 -13.78 9.80 -3.69
N THR A 466 -12.73 8.99 -3.78
CA THR A 466 -12.89 7.56 -3.52
C THR A 466 -12.90 7.28 -2.01
N LEU A 467 -13.28 6.08 -1.61
CA LEU A 467 -13.06 5.60 -0.24
C LEU A 467 -11.60 5.78 0.25
N PHE A 468 -10.64 5.52 -0.63
CA PHE A 468 -9.26 5.51 -0.25
C PHE A 468 -8.86 6.93 0.16
N ALA A 469 -9.19 7.93 -0.70
CA ALA A 469 -8.98 9.35 -0.43
C ALA A 469 -9.61 9.75 0.91
N SER A 470 -10.86 9.36 1.12
N SER A 470 -10.85 9.33 1.13
CA SER A 470 -11.58 9.58 2.37
CA SER A 470 -11.59 9.63 2.38
C SER A 470 -10.79 9.10 3.59
C SER A 470 -10.93 9.04 3.65
N GLN A 471 -10.38 7.83 3.54
CA GLN A 471 -9.59 7.19 4.62
C GLN A 471 -8.21 7.79 4.83
N VAL A 472 -7.56 8.24 3.76
CA VAL A 472 -6.30 8.95 3.92
C VAL A 472 -6.52 10.22 4.75
N MET A 473 -7.46 11.07 4.34
CA MET A 473 -7.80 12.32 5.03
C MET A 473 -8.17 12.10 6.51
N ARG A 474 -9.03 11.09 6.79
CA ARG A 474 -9.44 10.78 8.17
C ARG A 474 -8.36 10.21 9.10
N TYR A 475 -7.48 9.35 8.59
CA TYR A 475 -6.63 8.53 9.47
C TYR A 475 -5.15 8.79 9.37
N ALA A 476 -4.71 9.37 8.23
CA ALA A 476 -3.29 9.66 8.02
C ALA A 476 -3.00 11.12 8.38
N ASP A 477 -2.33 11.37 9.53
CA ASP A 477 -2.08 12.75 9.95
C ASP A 477 -1.21 13.40 8.92
N LEU A 478 -0.21 12.66 8.44
CA LEU A 478 0.66 13.08 7.36
C LEU A 478 0.68 12.02 6.27
N TYR A 479 1.02 12.45 5.06
CA TYR A 479 1.22 11.53 3.98
C TYR A 479 2.10 12.15 2.93
N ALA A 480 2.71 11.31 2.10
CA ALA A 480 3.69 11.76 1.11
C ALA A 480 3.93 10.58 0.18
N ALA A 481 4.51 10.83 -0.99
CA ALA A 481 4.96 9.80 -1.93
C ALA A 481 5.99 8.86 -1.32
N SER A 482 6.76 9.32 -0.33
CA SER A 482 7.85 8.53 0.28
C SER A 482 8.10 9.03 1.70
N PHE A 483 8.49 8.15 2.62
CA PHE A 483 8.89 8.57 4.01
C PHE A 483 10.11 9.55 3.94
N ILE A 484 10.98 9.34 2.98
CA ILE A 484 12.19 10.17 2.80
C ILE A 484 11.99 11.71 2.76
N ASN A 485 10.78 12.11 2.39
CA ASN A 485 10.41 13.52 2.33
C ASN A 485 10.55 14.23 3.67
N LEU A 486 10.48 13.45 4.77
CA LEU A 486 10.76 13.93 6.13
C LEU A 486 12.17 14.48 6.30
N LEU A 487 13.10 14.06 5.44
CA LEU A 487 14.49 14.55 5.52
C LEU A 487 14.58 16.05 5.22
N TYR A 488 13.55 16.60 4.57
CA TYR A 488 13.59 17.95 4.04
C TYR A 488 12.93 18.92 5.00
N TYR A 489 12.58 18.45 6.18
CA TYR A 489 11.89 19.23 7.17
C TYR A 489 12.78 19.21 8.41
N PRO A 490 12.94 20.37 9.09
CA PRO A 490 13.86 20.45 10.24
C PRO A 490 13.38 19.64 11.45
N PHE A 491 14.33 19.39 12.34
CA PHE A 491 14.14 18.61 13.57
C PHE A 491 12.72 18.78 14.15
N SER A 492 12.33 20.00 14.51
CA SER A 492 11.09 20.26 15.22
C SER A 492 10.03 21.13 14.48
N TYR A 493 9.88 20.85 13.20
CA TYR A 493 8.88 21.46 12.33
C TYR A 493 7.43 21.28 12.81
N LEU A 494 6.61 22.30 12.61
CA LEU A 494 5.18 22.19 12.90
C LEU A 494 4.38 22.10 11.61
N PHE A 495 3.92 20.90 11.29
CA PHE A 495 3.05 20.69 10.17
C PHE A 495 1.68 21.23 10.60
N ARG A 496 1.10 22.16 9.84
CA ARG A 496 -0.19 22.77 10.15
C ARG A 496 -1.24 22.35 9.13
N ALA A 497 -2.40 21.91 9.60
CA ALA A 497 -3.61 21.93 8.78
C ALA A 497 -4.55 23.02 9.33
N ALA A 498 -5.33 23.64 8.45
CA ALA A 498 -6.39 24.58 8.88
C ALA A 498 -7.46 23.90 9.73
N HIS A 499 -7.98 24.64 10.71
CA HIS A 499 -9.10 24.17 11.55
C HIS A 499 -10.33 24.02 10.68
N VAL A 500 -11.12 23.04 11.07
CA VAL A 500 -12.33 22.66 10.37
C VAL A 500 -13.51 23.30 11.08
N LEU A 501 -14.37 23.93 10.27
CA LEU A 501 -15.63 24.52 10.70
C LEU A 501 -16.79 23.70 10.11
N MET A 502 -17.88 23.59 10.87
CA MET A 502 -19.14 23.09 10.35
C MET A 502 -19.78 24.16 9.47
N PRO A 503 -20.67 23.75 8.56
CA PRO A 503 -21.43 24.72 7.76
C PRO A 503 -22.16 25.83 8.54
N HIS A 504 -22.70 25.56 9.72
CA HIS A 504 -23.32 26.64 10.50
C HIS A 504 -22.31 27.57 11.15
N GLU A 505 -21.06 27.11 11.27
CA GLU A 505 -20.00 27.89 11.91
C GLU A 505 -19.25 28.86 10.93
N SER A 506 -19.55 28.78 9.62
CA SER A 506 -18.82 29.49 8.54
C SER A 506 -19.46 30.79 8.06
#